data_3GIF
#
_entry.id   3GIF
#
_cell.length_a   91.580
_cell.length_b   93.480
_cell.length_c   59.420
_cell.angle_alpha   90.00
_cell.angle_beta   90.00
_cell.angle_gamma   90.00
#
_symmetry.space_group_name_H-M   'P 21 21 2'
#
loop_
_entity.id
_entity.type
_entity.pdbx_description
1 polymer 'Sensor histidine kinase desK'
2 non-polymer "ADENOSINE-5'-DIPHOSPHATE"
3 non-polymer 'CALCIUM ION'
4 water water
#
_entity_poly.entity_id   1
_entity_poly.type   'polypeptide(L)'
_entity_poly.pdbx_seq_one_letter_code
;GRKERERLEEKLEDANERIAELVKLEERQRIARDLEDTLGQKLSLIGLKSDLARKLIYKDPEQAARELKSVQQTARTSLN
EVRKIVSSMKGIRLKDELINIKQILEAADIMFIYEEEKWPENISLLNENILSMCLKEAVTNVVKHSQAKTCRVDIQQLWK
EVVITVSDDGTFKGEENSFSKGHGLLGMRERLEFANGSLHIDTENGTKLTMAIPNNSK
;
_entity_poly.pdbx_strand_id   A,B
#
loop_
_chem_comp.id
_chem_comp.type
_chem_comp.name
_chem_comp.formula
ADP non-polymer ADENOSINE-5'-DIPHOSPHATE 'C10 H15 N5 O10 P2'
CA non-polymer 'CALCIUM ION' 'Ca 2'
#
# COMPACT_ATOMS: atom_id res chain seq x y z
N LYS A 3 -15.47 -35.83 -0.45
CA LYS A 3 -16.58 -36.43 0.28
C LYS A 3 -17.79 -35.49 0.24
N GLU A 4 -18.40 -35.25 1.39
CA GLU A 4 -19.33 -34.13 1.55
C GLU A 4 -18.49 -33.09 2.26
N ARG A 5 -17.36 -33.56 2.79
CA ARG A 5 -16.33 -32.68 3.32
C ARG A 5 -16.16 -31.52 2.34
N GLU A 6 -16.44 -31.83 1.07
CA GLU A 6 -16.40 -30.83 0.00
C GLU A 6 -17.53 -29.81 0.09
N ARG A 7 -18.77 -30.23 -0.16
CA ARG A 7 -19.92 -29.32 -0.12
C ARG A 7 -19.81 -28.38 1.07
N LEU A 8 -19.39 -28.94 2.20
CA LEU A 8 -19.17 -28.16 3.41
C LEU A 8 -18.03 -27.13 3.34
N GLU A 9 -16.84 -27.57 2.96
CA GLU A 9 -15.72 -26.64 2.84
C GLU A 9 -16.12 -25.49 1.93
N GLU A 10 -17.04 -25.74 1.00
CA GLU A 10 -17.42 -24.72 0.04
C GLU A 10 -18.57 -23.84 0.50
N LYS A 11 -19.38 -24.31 1.45
CA LYS A 11 -20.37 -23.39 1.99
C LYS A 11 -19.55 -22.41 2.83
N LEU A 12 -18.47 -22.95 3.37
CA LEU A 12 -17.57 -22.16 4.20
C LEU A 12 -16.88 -21.13 3.36
N GLU A 13 -16.51 -21.55 2.16
CA GLU A 13 -15.77 -20.70 1.27
C GLU A 13 -16.73 -19.60 0.90
N ASP A 14 -17.97 -19.94 0.51
CA ASP A 14 -18.99 -18.97 0.13
C ASP A 14 -19.23 -17.86 1.20
N ALA A 15 -19.44 -18.27 2.45
CA ALA A 15 -19.70 -17.26 3.46
C ALA A 15 -18.47 -16.43 3.72
N ASN A 16 -17.30 -17.04 3.81
CA ASN A 16 -16.08 -16.26 3.91
C ASN A 16 -16.01 -15.21 2.83
N GLU A 17 -16.45 -15.55 1.63
CA GLU A 17 -16.22 -14.67 0.55
C GLU A 17 -17.17 -13.51 0.80
N ARG A 18 -18.37 -13.78 1.27
CA ARG A 18 -19.38 -12.73 1.34
C ARG A 18 -19.02 -11.74 2.42
N ILE A 19 -18.60 -12.28 3.56
CA ILE A 19 -18.14 -11.46 4.66
C ILE A 19 -17.08 -10.57 4.09
N ALA A 20 -16.24 -11.24 3.34
CA ALA A 20 -15.20 -10.61 2.57
C ALA A 20 -15.69 -9.34 1.85
N GLU A 21 -16.57 -9.43 0.84
CA GLU A 21 -17.01 -8.26 0.07
C GLU A 21 -17.71 -7.20 0.91
N LEU A 22 -18.35 -7.56 2.02
CA LEU A 22 -18.80 -6.46 2.86
C LEU A 22 -17.61 -5.68 3.45
N VAL A 23 -16.66 -6.36 4.07
CA VAL A 23 -15.62 -5.57 4.72
C VAL A 23 -14.84 -4.73 3.70
N LYS A 24 -14.55 -5.40 2.58
CA LYS A 24 -13.89 -4.82 1.42
C LYS A 24 -14.59 -3.53 1.06
N LEU A 25 -15.92 -3.62 0.86
CA LEU A 25 -16.66 -2.47 0.35
C LEU A 25 -16.67 -1.34 1.36
N GLU A 26 -16.66 -1.71 2.63
CA GLU A 26 -16.75 -0.69 3.62
C GLU A 26 -15.50 0.14 3.57
N GLU A 27 -14.38 -0.52 3.33
CA GLU A 27 -13.09 0.14 3.30
C GLU A 27 -12.96 1.04 2.06
N ARG A 28 -13.43 0.50 0.94
CA ARG A 28 -13.37 1.18 -0.34
C ARG A 28 -14.14 2.48 -0.25
N GLN A 29 -15.30 2.45 0.37
CA GLN A 29 -16.06 3.67 0.55
C GLN A 29 -15.34 4.68 1.42
N ARG A 30 -14.81 4.23 2.53
CA ARG A 30 -14.15 5.14 3.46
C ARG A 30 -13.03 5.89 2.71
N ILE A 31 -12.34 5.10 1.90
CA ILE A 31 -11.24 5.61 1.10
C ILE A 31 -11.74 6.53 -0.03
N ALA A 32 -12.94 6.26 -0.52
CA ALA A 32 -13.50 7.07 -1.58
C ALA A 32 -13.76 8.47 -1.05
N ARG A 33 -14.16 8.55 0.21
CA ARG A 33 -14.40 9.83 0.82
C ARG A 33 -13.07 10.50 0.96
N ASP A 34 -12.07 9.78 1.47
CA ASP A 34 -10.79 10.49 1.62
C ASP A 34 -10.28 11.09 0.33
N LEU A 35 -10.52 10.37 -0.75
CA LEU A 35 -9.96 10.72 -2.04
C LEU A 35 -10.70 11.91 -2.63
N GLU A 36 -12.02 11.85 -2.64
CA GLU A 36 -12.82 13.00 -3.02
C GLU A 36 -12.20 14.18 -2.37
N ASP A 37 -12.06 14.07 -1.06
CA ASP A 37 -11.69 15.19 -0.20
C ASP A 37 -10.33 15.71 -0.53
N THR A 38 -9.43 14.89 -1.01
CA THR A 38 -8.15 15.50 -1.33
C THR A 38 -7.94 15.61 -2.83
N LEU A 39 -7.58 14.48 -3.40
CA LEU A 39 -7.35 14.37 -4.82
C LEU A 39 -8.51 14.77 -5.69
N GLY A 40 -9.74 14.56 -5.23
CA GLY A 40 -10.83 14.70 -6.16
C GLY A 40 -10.84 16.19 -6.34
N GLN A 41 -10.69 16.87 -5.22
CA GLN A 41 -10.77 18.32 -5.23
C GLN A 41 -9.65 18.87 -6.07
N LYS A 42 -8.42 18.45 -5.83
CA LYS A 42 -7.36 18.96 -6.69
C LYS A 42 -7.65 18.74 -8.20
N LEU A 43 -7.94 17.52 -8.63
CA LEU A 43 -8.30 17.33 -10.06
C LEU A 43 -9.35 18.34 -10.55
N SER A 44 -10.45 18.43 -9.83
CA SER A 44 -11.48 19.36 -10.21
C SER A 44 -10.98 20.80 -10.37
N LEU A 45 -10.20 21.23 -9.43
CA LEU A 45 -9.59 22.54 -9.41
C LEU A 45 -8.72 22.79 -10.63
N ILE A 46 -7.99 21.78 -11.05
CA ILE A 46 -7.14 21.90 -12.17
C ILE A 46 -8.02 22.12 -13.36
N GLY A 47 -9.11 21.34 -13.48
CA GLY A 47 -10.00 21.56 -14.61
C GLY A 47 -10.54 23.01 -14.62
N LEU A 48 -10.86 23.52 -13.44
CA LEU A 48 -11.46 24.82 -13.29
C LEU A 48 -10.52 25.88 -13.78
N LYS A 49 -9.31 25.92 -13.22
CA LYS A 49 -8.31 26.90 -13.56
C LYS A 49 -7.96 26.79 -15.04
N SER A 50 -7.77 25.61 -15.57
CA SER A 50 -7.41 25.52 -16.98
C SER A 50 -8.56 26.11 -17.86
N ASP A 51 -9.79 25.94 -17.38
CA ASP A 51 -10.89 26.52 -18.09
C ASP A 51 -10.92 28.08 -18.04
N LEU A 52 -10.68 28.61 -16.86
CA LEU A 52 -10.55 30.05 -16.60
C LEU A 52 -9.49 30.66 -17.52
N ALA A 53 -8.32 30.05 -17.51
CA ALA A 53 -7.18 30.44 -18.32
C ALA A 53 -7.60 30.49 -19.78
N ARG A 54 -8.32 29.46 -20.21
CA ARG A 54 -8.68 29.38 -21.62
C ARG A 54 -9.52 30.63 -21.92
N LYS A 55 -10.42 30.90 -21.01
CA LYS A 55 -11.30 32.07 -21.07
C LYS A 55 -10.58 33.36 -21.21
N LEU A 56 -9.44 33.51 -20.54
CA LEU A 56 -8.64 34.72 -20.57
C LEU A 56 -7.61 34.78 -21.70
N ILE A 57 -7.55 33.81 -22.59
CA ILE A 57 -6.50 33.86 -23.62
C ILE A 57 -6.35 35.23 -24.32
N TYR A 58 -7.42 35.70 -24.98
CA TYR A 58 -7.49 37.03 -25.57
C TYR A 58 -7.73 38.16 -24.58
N LYS A 59 -8.68 37.97 -23.66
CA LYS A 59 -9.06 39.04 -22.75
C LYS A 59 -7.87 39.54 -21.90
N ASP A 60 -7.24 38.63 -21.19
CA ASP A 60 -6.15 38.98 -20.33
C ASP A 60 -5.07 37.89 -20.42
N PRO A 61 -4.31 37.88 -21.51
CA PRO A 61 -3.15 36.99 -21.63
C PRO A 61 -2.30 36.87 -20.37
N GLU A 62 -2.02 37.95 -19.66
CA GLU A 62 -1.23 37.82 -18.45
C GLU A 62 -1.93 37.06 -17.33
N GLN A 63 -3.21 37.33 -17.12
CA GLN A 63 -3.96 36.56 -16.13
C GLN A 63 -4.02 35.08 -16.54
N ALA A 64 -4.05 34.80 -17.83
CA ALA A 64 -4.08 33.39 -18.22
C ALA A 64 -2.75 32.75 -17.93
N ALA A 65 -1.65 33.37 -18.29
CA ALA A 65 -0.37 32.78 -17.99
C ALA A 65 -0.25 32.52 -16.48
N ARG A 66 -0.72 33.47 -15.68
CA ARG A 66 -0.65 33.34 -14.25
C ARG A 66 -1.39 32.10 -13.81
N GLU A 67 -2.65 31.98 -14.23
CA GLU A 67 -3.42 30.77 -14.05
C GLU A 67 -2.72 29.47 -14.45
N LEU A 68 -2.05 29.42 -15.60
CA LEU A 68 -1.41 28.19 -16.05
C LEU A 68 -0.24 27.88 -15.16
N LYS A 69 0.35 28.89 -14.57
CA LYS A 69 1.41 28.62 -13.64
C LYS A 69 0.77 27.99 -12.42
N SER A 70 -0.35 28.55 -11.97
CA SER A 70 -1.08 27.98 -10.87
C SER A 70 -1.44 26.50 -11.08
N VAL A 71 -1.95 26.14 -12.25
CA VAL A 71 -2.33 24.81 -12.64
C VAL A 71 -1.13 23.90 -12.58
N GLN A 72 0.01 24.39 -13.07
CA GLN A 72 1.22 23.60 -13.00
C GLN A 72 1.58 23.30 -11.55
N GLN A 73 1.46 24.29 -10.67
CA GLN A 73 1.80 24.04 -9.28
C GLN A 73 0.86 23.05 -8.67
N THR A 74 -0.43 23.14 -8.94
CA THR A 74 -1.34 22.25 -8.24
C THR A 74 -1.20 20.84 -8.77
N ALA A 75 -0.79 20.70 -10.02
CA ALA A 75 -0.48 19.37 -10.51
C ALA A 75 0.78 18.84 -9.80
N ARG A 76 1.85 19.60 -9.74
CA ARG A 76 3.02 19.20 -8.95
C ARG A 76 2.62 18.66 -7.56
N THR A 77 2.00 19.53 -6.76
CA THR A 77 1.65 19.15 -5.40
C THR A 77 0.72 17.95 -5.37
N SER A 78 -0.07 17.75 -6.41
CA SER A 78 -0.95 16.62 -6.36
C SER A 78 -0.19 15.34 -6.58
N LEU A 79 0.76 15.37 -7.51
CA LEU A 79 1.74 14.33 -7.73
C LEU A 79 2.31 13.92 -6.37
N ASN A 80 2.74 14.92 -5.60
CA ASN A 80 3.23 14.62 -4.24
C ASN A 80 2.21 13.87 -3.38
N GLU A 81 1.03 14.47 -3.27
CA GLU A 81 -0.01 13.89 -2.47
C GLU A 81 -0.09 12.43 -2.82
N VAL A 82 0.06 12.10 -4.08
CA VAL A 82 -0.17 10.76 -4.55
C VAL A 82 0.95 9.82 -4.14
N ARG A 83 2.21 10.24 -4.34
CA ARG A 83 3.30 9.37 -3.94
C ARG A 83 3.06 8.99 -2.49
N LYS A 84 2.64 9.98 -1.71
CA LYS A 84 2.63 9.82 -0.28
C LYS A 84 1.54 8.86 0.16
N ILE A 85 0.36 9.16 -0.32
CA ILE A 85 -0.82 8.36 -0.17
C ILE A 85 -0.53 6.91 -0.49
N VAL A 86 0.05 6.65 -1.65
CA VAL A 86 0.16 5.30 -2.11
C VAL A 86 1.16 4.60 -1.24
N SER A 87 2.20 5.32 -0.83
CA SER A 87 3.21 4.70 0.01
C SER A 87 2.55 4.34 1.35
N SER A 88 1.73 5.27 1.82
CA SER A 88 1.12 5.13 3.10
C SER A 88 0.13 3.96 3.05
N MET A 89 -0.69 3.90 2.00
CA MET A 89 -1.61 2.78 1.77
C MET A 89 -0.93 1.44 1.50
N LYS A 90 0.34 1.47 1.17
CA LYS A 90 1.05 0.24 0.95
C LYS A 90 1.34 -0.39 2.32
N GLY A 91 1.36 0.45 3.35
CA GLY A 91 1.61 0.00 4.70
C GLY A 91 3.07 -0.30 4.90
N ILE A 92 3.38 -0.90 6.05
CA ILE A 92 4.76 -1.17 6.38
C ILE A 92 5.46 -2.29 5.61
N ARG A 93 6.71 -2.00 5.33
CA ARG A 93 7.47 -2.74 4.36
C ARG A 93 8.48 -3.59 5.08
N LEU A 94 8.72 -4.78 4.54
CA LEU A 94 9.52 -5.76 5.23
C LEU A 94 11.00 -5.31 5.49
N LYS A 95 11.64 -4.75 4.48
CA LYS A 95 12.98 -4.17 4.67
C LYS A 95 13.00 -3.28 5.92
N ASP A 96 11.91 -2.53 6.10
CA ASP A 96 11.77 -1.60 7.20
C ASP A 96 11.55 -2.29 8.53
N GLU A 97 10.79 -3.37 8.51
CA GLU A 97 10.53 -4.06 9.75
C GLU A 97 11.86 -4.59 10.21
N LEU A 98 12.76 -4.89 9.28
CA LEU A 98 14.09 -5.41 9.61
C LEU A 98 14.89 -4.40 10.43
N ILE A 99 14.91 -3.17 9.94
CA ILE A 99 15.45 -2.06 10.69
C ILE A 99 14.87 -1.96 12.11
N ASN A 100 13.53 -1.84 12.17
CA ASN A 100 12.81 -1.72 13.43
C ASN A 100 13.31 -2.72 14.46
N ILE A 101 13.33 -3.97 14.06
CA ILE A 101 13.73 -4.98 15.03
C ILE A 101 15.24 -4.98 15.33
N LYS A 102 16.07 -4.43 14.43
CA LYS A 102 17.48 -4.28 14.77
C LYS A 102 17.57 -3.37 15.98
N GLN A 103 16.84 -2.27 15.88
CA GLN A 103 16.76 -1.34 17.00
C GLN A 103 16.34 -2.11 18.24
N ILE A 104 15.07 -2.53 18.24
CA ILE A 104 14.46 -3.20 19.40
C ILE A 104 15.41 -4.18 20.10
N LEU A 105 16.03 -5.09 19.34
CA LEU A 105 16.92 -6.06 19.95
C LEU A 105 18.14 -5.37 20.57
N GLU A 106 18.84 -4.56 19.77
CA GLU A 106 20.09 -3.96 20.22
C GLU A 106 19.86 -3.25 21.57
N ALA A 107 18.75 -2.53 21.67
CA ALA A 107 18.40 -1.74 22.85
C ALA A 107 17.79 -2.53 24.03
N ALA A 108 17.24 -3.71 23.79
CA ALA A 108 16.88 -4.59 24.89
C ALA A 108 18.09 -5.47 25.12
N ASP A 109 19.23 -5.01 24.60
CA ASP A 109 20.49 -5.69 24.77
C ASP A 109 20.50 -7.19 24.43
N ILE A 110 20.23 -7.49 23.17
CA ILE A 110 20.35 -8.86 22.70
C ILE A 110 21.14 -8.83 21.42
N MET A 111 22.10 -9.77 21.31
CA MET A 111 22.95 -9.82 20.13
C MET A 111 22.12 -10.30 18.93
N PHE A 112 22.05 -9.45 17.89
CA PHE A 112 21.25 -9.73 16.69
C PHE A 112 22.04 -10.24 15.46
N ILE A 113 21.70 -11.45 15.02
CA ILE A 113 22.40 -12.18 13.96
C ILE A 113 21.67 -12.20 12.61
N TYR A 114 22.34 -11.66 11.58
CA TYR A 114 21.74 -11.50 10.28
C TYR A 114 22.64 -11.57 9.03
N GLU A 115 22.75 -12.74 8.42
CA GLU A 115 23.36 -12.93 7.07
C GLU A 115 22.47 -12.38 5.94
N GLU A 116 22.95 -11.40 5.21
CA GLU A 116 22.19 -10.81 4.12
C GLU A 116 22.27 -11.67 2.85
N GLU A 117 21.14 -11.88 2.16
CA GLU A 117 21.05 -12.89 1.10
C GLU A 117 20.19 -12.54 -0.14
N LYS A 118 19.98 -13.56 -0.99
CA LYS A 118 18.84 -13.65 -1.95
C LYS A 118 17.43 -13.38 -1.34
N TRP A 119 17.28 -12.03 -1.38
CA TRP A 119 16.12 -11.21 -1.12
C TRP A 119 15.05 -11.50 -2.15
N PRO A 120 13.89 -11.93 -1.68
CA PRO A 120 12.91 -12.53 -2.60
C PRO A 120 12.28 -11.47 -3.47
N GLU A 121 11.64 -11.90 -4.54
CA GLU A 121 11.54 -11.05 -5.70
C GLU A 121 10.13 -10.77 -6.10
N ASN A 122 9.20 -11.69 -5.83
CA ASN A 122 7.80 -11.46 -6.27
C ASN A 122 6.79 -11.66 -5.16
N ILE A 123 7.04 -10.97 -4.06
CA ILE A 123 6.25 -11.11 -2.85
C ILE A 123 5.15 -10.06 -2.90
N SER A 124 3.87 -10.47 -2.95
CA SER A 124 2.82 -9.44 -2.96
C SER A 124 3.06 -8.49 -1.79
N LEU A 125 2.63 -7.23 -1.92
CA LEU A 125 2.69 -6.24 -0.82
C LEU A 125 1.93 -6.72 0.40
N LEU A 126 0.77 -7.33 0.20
CA LEU A 126 0.04 -7.93 1.30
C LEU A 126 0.89 -8.94 2.07
N ASN A 127 1.56 -9.83 1.34
CA ASN A 127 2.38 -10.89 1.96
C ASN A 127 3.62 -10.32 2.62
N GLU A 128 4.07 -9.21 2.09
CA GLU A 128 5.18 -8.54 2.65
C GLU A 128 4.72 -8.02 4.02
N ASN A 129 3.45 -7.60 4.09
CA ASN A 129 2.91 -6.95 5.30
C ASN A 129 2.71 -7.96 6.40
N ILE A 130 2.18 -9.13 6.04
CA ILE A 130 2.01 -10.24 6.97
C ILE A 130 3.36 -10.68 7.51
N LEU A 131 4.37 -10.76 6.64
CA LEU A 131 5.66 -11.20 7.14
C LEU A 131 6.21 -10.16 8.11
N SER A 132 6.04 -8.89 7.79
CA SER A 132 6.50 -7.83 8.69
C SER A 132 5.79 -7.94 10.05
N MET A 133 4.56 -8.42 10.06
CA MET A 133 3.74 -8.38 11.25
C MET A 133 4.17 -9.50 12.17
N CYS A 134 4.13 -10.70 11.61
CA CYS A 134 4.62 -11.92 12.20
C CYS A 134 6.01 -11.76 12.78
N LEU A 135 6.81 -10.93 12.12
CA LEU A 135 8.19 -10.72 12.48
C LEU A 135 8.30 -9.80 13.68
N LYS A 136 7.62 -8.67 13.60
CA LYS A 136 7.60 -7.79 14.74
C LYS A 136 7.23 -8.61 15.95
N GLU A 137 6.14 -9.38 15.86
CA GLU A 137 5.58 -10.06 17.03
C GLU A 137 6.55 -11.12 17.52
N ALA A 138 7.13 -11.88 16.62
CA ALA A 138 8.05 -12.93 17.01
C ALA A 138 9.23 -12.35 17.83
N VAL A 139 9.73 -11.21 17.38
CA VAL A 139 10.81 -10.59 18.12
C VAL A 139 10.35 -9.96 19.46
N THR A 140 9.12 -9.51 19.49
CA THR A 140 8.53 -8.99 20.69
C THR A 140 8.58 -10.09 21.73
N ASN A 141 8.18 -11.28 21.32
CA ASN A 141 8.05 -12.41 22.19
C ASN A 141 9.44 -12.78 22.60
N VAL A 142 10.43 -12.50 21.74
CA VAL A 142 11.81 -12.84 22.10
C VAL A 142 12.17 -12.02 23.33
N VAL A 143 12.02 -10.71 23.17
CA VAL A 143 12.35 -9.76 24.21
C VAL A 143 11.50 -9.89 25.49
N LYS A 144 10.37 -10.58 25.43
CA LYS A 144 9.47 -10.61 26.56
C LYS A 144 9.56 -11.91 27.33
N HIS A 145 9.91 -12.98 26.66
CA HIS A 145 9.80 -14.27 27.26
C HIS A 145 11.13 -15.04 27.34
N SER A 146 12.09 -14.76 26.45
CA SER A 146 13.16 -15.74 26.33
C SER A 146 14.33 -15.49 27.28
N GLN A 147 14.60 -14.22 27.54
CA GLN A 147 15.87 -13.84 28.17
C GLN A 147 17.05 -14.56 27.47
N ALA A 148 16.89 -14.77 26.17
CA ALA A 148 17.96 -15.28 25.32
C ALA A 148 19.05 -14.23 25.27
N LYS A 149 20.28 -14.66 24.93
CA LYS A 149 21.41 -13.76 24.80
C LYS A 149 21.55 -13.38 23.32
N THR A 150 21.15 -14.33 22.47
CA THR A 150 21.16 -14.11 21.02
C THR A 150 19.89 -14.44 20.27
N CYS A 151 19.68 -13.70 19.19
CA CYS A 151 18.55 -13.88 18.30
C CYS A 151 18.94 -13.70 16.83
N ARG A 152 18.84 -14.78 16.05
CA ARG A 152 19.12 -14.73 14.60
C ARG A 152 17.84 -14.74 13.76
N VAL A 153 17.77 -13.84 12.78
CA VAL A 153 16.72 -13.92 11.77
C VAL A 153 17.26 -14.25 10.38
N ASP A 154 16.68 -15.24 9.69
CA ASP A 154 17.07 -15.50 8.30
C ASP A 154 15.89 -15.21 7.40
N ILE A 155 16.15 -14.52 6.28
CA ILE A 155 15.10 -14.28 5.30
C ILE A 155 15.48 -14.82 3.93
N GLN A 156 14.95 -15.98 3.58
CA GLN A 156 15.48 -16.68 2.41
C GLN A 156 14.42 -16.98 1.37
N GLN A 157 14.74 -16.74 0.07
CA GLN A 157 13.86 -17.46 -0.90
C GLN A 157 14.00 -19.04 -0.99
N LEU A 158 13.02 -19.79 -0.51
CA LEU A 158 12.90 -21.20 -0.88
C LEU A 158 11.93 -21.30 -2.04
N TRP A 159 11.92 -22.43 -2.75
CA TRP A 159 11.21 -22.46 -4.01
C TRP A 159 9.71 -22.17 -4.02
N LYS A 160 8.90 -22.76 -3.16
CA LYS A 160 7.50 -22.29 -3.23
C LYS A 160 7.27 -20.93 -2.49
N GLU A 161 8.19 -20.67 -1.59
CA GLU A 161 7.79 -19.75 -0.58
C GLU A 161 8.98 -19.06 0.01
N VAL A 162 8.72 -17.85 0.48
CA VAL A 162 9.58 -17.10 1.35
C VAL A 162 9.57 -17.70 2.76
N VAL A 163 10.74 -17.85 3.37
CA VAL A 163 10.71 -18.21 4.77
C VAL A 163 11.51 -17.29 5.61
N ILE A 164 10.98 -17.00 6.79
CA ILE A 164 11.70 -16.20 7.74
C ILE A 164 11.77 -17.04 8.99
N THR A 165 13.00 -17.29 9.46
CA THR A 165 13.10 -17.90 10.77
C THR A 165 13.58 -16.86 11.75
N VAL A 166 13.23 -17.10 13.02
CA VAL A 166 13.70 -16.32 14.16
C VAL A 166 14.02 -17.27 15.31
N SER A 167 15.27 -17.31 15.74
CA SER A 167 15.67 -18.26 16.75
C SER A 167 16.35 -17.53 17.86
N ASP A 168 16.14 -18.00 19.07
CA ASP A 168 16.75 -17.40 20.23
C ASP A 168 17.20 -18.54 21.14
N ASP A 169 18.37 -18.34 21.72
CA ASP A 169 18.98 -19.27 22.62
C ASP A 169 18.46 -18.95 24.03
N GLY A 170 17.14 -18.93 24.19
CA GLY A 170 16.50 -18.58 25.46
C GLY A 170 15.54 -19.66 25.95
N THR A 171 14.67 -19.29 26.90
CA THR A 171 13.89 -20.29 27.65
C THR A 171 12.39 -20.33 27.31
N PHE A 172 12.00 -21.16 26.34
CA PHE A 172 10.60 -21.25 25.98
C PHE A 172 9.63 -21.50 27.14
N LYS A 173 8.85 -20.47 27.48
CA LYS A 173 7.83 -20.56 28.52
C LYS A 173 6.44 -20.95 27.96
N GLY A 174 5.58 -19.95 27.88
CA GLY A 174 4.17 -20.03 27.48
C GLY A 174 3.52 -21.13 26.65
N GLU A 175 2.18 -21.07 26.62
CA GLU A 175 1.31 -22.08 26.00
C GLU A 175 -0.14 -21.83 26.45
N HIS A 183 -3.94 -12.96 20.97
CA HIS A 183 -2.54 -12.95 21.38
C HIS A 183 -1.59 -13.32 20.21
N GLY A 184 -0.32 -12.96 20.37
CA GLY A 184 0.67 -12.99 19.30
C GLY A 184 0.80 -14.23 18.42
N LEU A 185 0.93 -15.39 19.06
CA LEU A 185 1.17 -16.63 18.33
C LEU A 185 0.01 -17.16 17.49
N LEU A 186 -1.16 -17.24 18.12
CA LEU A 186 -2.39 -17.47 17.41
C LEU A 186 -2.53 -16.44 16.26
N GLY A 187 -2.19 -15.19 16.52
CA GLY A 187 -2.25 -14.18 15.48
C GLY A 187 -1.39 -14.49 14.26
N MET A 188 -0.17 -14.95 14.50
CA MET A 188 0.73 -15.24 13.43
C MET A 188 0.21 -16.44 12.66
N ARG A 189 -0.31 -17.43 13.37
CA ARG A 189 -0.73 -18.65 12.69
C ARG A 189 -1.92 -18.31 11.82
N GLU A 190 -2.68 -17.32 12.24
CA GLU A 190 -3.85 -16.91 11.50
C GLU A 190 -3.55 -16.09 10.27
N ARG A 191 -2.63 -15.15 10.38
CA ARG A 191 -2.36 -14.30 9.24
C ARG A 191 -1.74 -15.26 8.24
N LEU A 192 -0.67 -15.92 8.67
CA LEU A 192 0.09 -16.82 7.80
C LEU A 192 -0.83 -17.80 7.10
N GLU A 193 -1.75 -18.35 7.88
CA GLU A 193 -2.73 -19.33 7.44
C GLU A 193 -3.55 -18.71 6.32
N PHE A 194 -3.99 -17.48 6.53
CA PHE A 194 -4.78 -16.73 5.58
C PHE A 194 -4.08 -16.55 4.23
N ALA A 195 -2.76 -16.60 4.21
CA ALA A 195 -2.02 -16.44 2.95
C ALA A 195 -1.50 -17.77 2.40
N ASN A 196 -1.94 -18.87 3.01
CA ASN A 196 -1.63 -20.20 2.50
C ASN A 196 -0.20 -20.63 2.86
N GLY A 197 0.20 -20.21 4.05
CA GLY A 197 1.48 -20.46 4.66
C GLY A 197 1.28 -21.08 6.04
N SER A 198 2.31 -20.93 6.88
CA SER A 198 2.47 -21.78 8.07
C SER A 198 3.47 -21.24 9.08
N LEU A 199 3.23 -21.68 10.33
CA LEU A 199 4.05 -21.36 11.49
C LEU A 199 4.57 -22.68 12.01
N HIS A 200 5.85 -22.73 12.38
CA HIS A 200 6.35 -23.90 13.10
C HIS A 200 7.16 -23.47 14.29
N ILE A 201 7.05 -24.26 15.35
CA ILE A 201 7.59 -23.90 16.66
C ILE A 201 8.46 -25.06 17.16
N ASP A 202 9.76 -24.98 16.92
CA ASP A 202 10.68 -25.93 17.51
C ASP A 202 11.41 -25.39 18.75
N THR A 203 11.14 -25.99 19.91
CA THR A 203 11.80 -25.58 21.16
C THR A 203 13.00 -26.44 21.58
N GLU A 204 13.45 -27.31 20.67
CA GLU A 204 14.55 -28.26 20.90
C GLU A 204 15.80 -27.66 21.58
N ASN A 205 16.04 -26.37 21.38
CA ASN A 205 17.06 -25.68 22.16
C ASN A 205 16.98 -24.16 22.00
N GLY A 206 16.07 -23.56 22.76
CA GLY A 206 15.67 -22.19 22.57
C GLY A 206 14.44 -22.14 21.66
N THR A 207 13.89 -20.94 21.48
CA THR A 207 12.67 -20.77 20.71
C THR A 207 12.98 -20.54 19.23
N LYS A 208 12.57 -21.48 18.38
CA LYS A 208 12.79 -21.33 16.93
C LYS A 208 11.45 -21.29 16.18
N LEU A 209 11.32 -20.28 15.32
CA LEU A 209 10.09 -19.99 14.60
C LEU A 209 10.28 -19.95 13.09
N THR A 210 9.46 -20.74 12.39
CA THR A 210 9.61 -20.85 10.95
C THR A 210 8.32 -20.48 10.25
N MET A 211 8.37 -19.27 9.68
CA MET A 211 7.24 -18.61 9.08
C MET A 211 7.38 -18.64 7.58
N ALA A 212 6.61 -19.50 6.94
CA ALA A 212 6.75 -19.69 5.52
C ALA A 212 5.47 -19.20 4.89
N ILE A 213 5.58 -18.58 3.73
CA ILE A 213 4.39 -18.15 3.06
C ILE A 213 4.68 -18.23 1.59
N PRO A 214 3.64 -18.61 0.82
CA PRO A 214 3.80 -18.66 -0.63
C PRO A 214 4.32 -17.31 -1.10
N ASN A 215 5.18 -17.26 -2.13
CA ASN A 215 5.44 -15.89 -2.65
C ASN A 215 4.20 -15.03 -3.08
N ASN A 216 3.34 -15.60 -3.93
CA ASN A 216 2.29 -14.88 -4.73
C ASN A 216 2.68 -13.56 -5.43
N GLU B 13 -13.40 -12.28 19.91
CA GLU B 13 -13.89 -11.76 18.63
C GLU B 13 -12.73 -11.24 17.77
N ASP B 14 -11.53 -11.28 18.34
CA ASP B 14 -10.37 -10.91 17.55
C ASP B 14 -10.42 -11.75 16.28
N ALA B 15 -10.59 -13.06 16.42
CA ALA B 15 -10.51 -13.96 15.25
C ALA B 15 -11.06 -13.29 13.98
N ASN B 16 -12.30 -12.79 14.04
CA ASN B 16 -12.84 -11.91 12.97
C ASN B 16 -12.12 -10.56 12.81
N GLU B 17 -11.92 -9.84 13.91
CA GLU B 17 -11.13 -8.61 13.84
C GLU B 17 -9.90 -8.74 12.87
N ARG B 18 -8.88 -9.45 13.31
CA ARG B 18 -7.63 -9.50 12.58
C ARG B 18 -7.70 -9.98 11.12
N ILE B 19 -8.58 -10.92 10.82
CA ILE B 19 -8.77 -11.36 9.44
C ILE B 19 -9.36 -10.26 8.57
N ALA B 20 -10.31 -9.52 9.13
CA ALA B 20 -10.96 -8.47 8.38
C ALA B 20 -9.98 -7.34 8.19
N GLU B 21 -9.08 -7.15 9.15
CA GLU B 21 -8.01 -6.20 8.93
C GLU B 21 -7.17 -6.64 7.73
N LEU B 22 -6.89 -7.93 7.63
CA LEU B 22 -6.19 -8.39 6.46
C LEU B 22 -6.92 -8.06 5.15
N VAL B 23 -8.22 -8.34 5.06
CA VAL B 23 -8.89 -7.97 3.83
C VAL B 23 -8.88 -6.45 3.52
N LYS B 24 -9.16 -5.59 4.49
CA LYS B 24 -9.02 -4.16 4.25
C LYS B 24 -7.65 -3.86 3.64
N LEU B 25 -6.61 -4.37 4.29
CA LEU B 25 -5.24 -4.12 3.89
C LEU B 25 -5.10 -4.41 2.41
N GLU B 26 -5.40 -5.64 2.06
CA GLU B 26 -5.39 -6.05 0.67
C GLU B 26 -6.14 -5.06 -0.24
N GLU B 27 -7.37 -4.76 0.12
CA GLU B 27 -8.14 -3.80 -0.62
C GLU B 27 -7.35 -2.47 -0.81
N ARG B 28 -6.88 -1.95 0.31
CA ARG B 28 -5.93 -0.84 0.37
C ARG B 28 -4.75 -1.02 -0.61
N GLN B 29 -4.08 -2.16 -0.58
CA GLN B 29 -2.99 -2.38 -1.51
C GLN B 29 -3.38 -2.27 -2.98
N ARG B 30 -4.57 -2.80 -3.31
CA ARG B 30 -5.09 -2.83 -4.66
C ARG B 30 -5.30 -1.39 -5.21
N ILE B 31 -6.15 -0.68 -4.49
CA ILE B 31 -6.37 0.67 -4.87
C ILE B 31 -5.00 1.30 -5.10
N ALA B 32 -4.08 1.04 -4.18
CA ALA B 32 -2.76 1.71 -4.21
C ALA B 32 -1.99 1.52 -5.51
N ARG B 33 -1.89 0.26 -5.95
CA ARG B 33 -1.33 0.02 -7.27
C ARG B 33 -2.03 0.81 -8.40
N ASP B 34 -3.36 0.68 -8.44
CA ASP B 34 -4.10 1.29 -9.55
C ASP B 34 -3.79 2.80 -9.73
N LEU B 35 -3.97 3.46 -8.60
CA LEU B 35 -3.73 4.87 -8.46
C LEU B 35 -2.34 5.16 -8.97
N GLU B 36 -1.36 4.59 -8.28
CA GLU B 36 0.03 4.83 -8.59
C GLU B 36 0.23 4.97 -10.10
N ASP B 37 -0.14 3.88 -10.80
CA ASP B 37 0.00 3.89 -12.26
C ASP B 37 -0.62 5.13 -12.94
N THR B 38 -1.94 4.98 -13.02
CA THR B 38 -2.66 5.92 -13.89
C THR B 38 -2.33 7.36 -13.52
N LEU B 39 -2.55 7.70 -12.27
CA LEU B 39 -2.39 9.04 -11.80
C LEU B 39 -0.99 9.63 -11.88
N GLY B 40 0.07 8.93 -11.46
CA GLY B 40 1.35 9.59 -11.65
C GLY B 40 1.33 10.07 -13.10
N GLN B 41 1.07 9.10 -13.98
CA GLN B 41 1.27 9.53 -15.38
C GLN B 41 0.45 10.78 -15.75
N LYS B 42 -0.85 10.72 -15.48
CA LYS B 42 -1.75 11.78 -15.89
C LYS B 42 -1.39 13.16 -15.28
N LEU B 43 -0.91 13.21 -14.05
CA LEU B 43 -0.57 14.51 -13.48
C LEU B 43 0.68 15.05 -14.16
N SER B 44 1.65 14.19 -14.43
CA SER B 44 2.83 14.72 -15.14
C SER B 44 2.40 15.32 -16.48
N LEU B 45 1.50 14.64 -17.17
CA LEU B 45 1.12 15.06 -18.51
C LEU B 45 0.50 16.41 -18.39
N ILE B 46 -0.44 16.53 -17.46
CA ILE B 46 -1.13 17.79 -17.29
C ILE B 46 -0.14 18.93 -17.06
N GLY B 47 0.80 18.77 -16.13
CA GLY B 47 1.87 19.75 -16.02
C GLY B 47 2.44 20.14 -17.40
N LEU B 48 2.93 19.12 -18.12
CA LEU B 48 3.62 19.33 -19.41
C LEU B 48 2.85 20.16 -20.44
N LYS B 49 1.63 19.70 -20.71
CA LYS B 49 0.76 20.25 -21.68
C LYS B 49 0.32 21.67 -21.26
N SER B 50 0.00 21.90 -20.00
CA SER B 50 -0.42 23.22 -19.56
C SER B 50 0.75 24.16 -19.80
N ASP B 51 1.96 23.63 -19.66
CA ASP B 51 3.10 24.42 -20.05
C ASP B 51 3.29 24.73 -21.56
N LEU B 52 3.08 23.76 -22.44
CA LEU B 52 3.06 24.06 -23.88
C LEU B 52 2.02 25.15 -24.23
N ALA B 53 0.88 25.05 -23.56
CA ALA B 53 -0.25 25.89 -23.82
C ALA B 53 0.11 27.30 -23.43
N ARG B 54 0.80 27.44 -22.29
CA ARG B 54 1.29 28.74 -21.86
C ARG B 54 2.22 29.28 -22.94
N LYS B 55 3.11 28.43 -23.41
CA LYS B 55 4.04 28.82 -24.48
C LYS B 55 3.32 29.38 -25.67
N LEU B 56 2.06 29.01 -25.91
CA LEU B 56 1.34 29.62 -27.06
C LEU B 56 0.39 30.81 -26.83
N ILE B 57 0.20 31.28 -25.59
CA ILE B 57 -0.85 32.30 -25.36
C ILE B 57 -0.79 33.40 -26.41
N TYR B 58 0.40 33.94 -26.55
CA TYR B 58 0.59 34.98 -27.54
C TYR B 58 0.84 34.44 -28.95
N LYS B 59 1.87 33.61 -29.12
CA LYS B 59 2.31 33.19 -30.46
C LYS B 59 1.32 32.38 -31.31
N ASP B 60 0.49 31.55 -30.69
CA ASP B 60 -0.68 30.93 -31.33
C ASP B 60 -1.80 30.55 -30.31
N PRO B 61 -2.64 31.53 -29.98
CA PRO B 61 -3.71 31.45 -29.00
C PRO B 61 -4.74 30.40 -29.36
N GLU B 62 -5.07 30.18 -30.62
CA GLU B 62 -6.13 29.21 -30.88
C GLU B 62 -5.59 27.88 -30.44
N GLN B 63 -4.29 27.68 -30.69
CA GLN B 63 -3.69 26.41 -30.37
C GLN B 63 -3.72 26.30 -28.89
N ALA B 64 -3.32 27.36 -28.21
CA ALA B 64 -3.23 27.29 -26.78
C ALA B 64 -4.60 26.92 -26.19
N ALA B 65 -5.66 27.47 -26.73
CA ALA B 65 -6.96 27.11 -26.25
C ALA B 65 -7.22 25.62 -26.48
N ARG B 66 -7.05 25.09 -27.68
CA ARG B 66 -7.24 23.65 -27.88
C ARG B 66 -6.46 22.81 -26.84
N GLU B 67 -5.20 23.18 -26.59
CA GLU B 67 -4.36 22.47 -25.68
C GLU B 67 -5.05 22.45 -24.32
N LEU B 68 -5.52 23.62 -23.89
CA LEU B 68 -6.24 23.75 -22.63
C LEU B 68 -7.53 22.92 -22.58
N LYS B 69 -8.21 22.70 -23.68
CA LYS B 69 -9.40 21.89 -23.62
C LYS B 69 -8.95 20.49 -23.42
N SER B 70 -7.80 20.19 -24.00
CA SER B 70 -7.25 18.86 -23.81
C SER B 70 -6.91 18.56 -22.32
N VAL B 71 -6.09 19.42 -21.71
CA VAL B 71 -5.76 19.34 -20.32
C VAL B 71 -7.05 19.21 -19.50
N GLN B 72 -8.04 20.02 -19.76
CA GLN B 72 -9.34 19.77 -19.15
C GLN B 72 -9.83 18.35 -19.27
N GLN B 73 -9.80 17.75 -20.46
CA GLN B 73 -10.26 16.38 -20.53
C GLN B 73 -9.41 15.41 -19.69
N THR B 74 -8.09 15.54 -19.70
CA THR B 74 -7.30 14.56 -18.97
C THR B 74 -7.50 14.71 -17.46
N ALA B 75 -7.76 15.92 -16.99
CA ALA B 75 -8.16 16.06 -15.60
C ALA B 75 -9.57 15.47 -15.31
N ARG B 76 -10.52 15.66 -16.21
CA ARG B 76 -11.84 15.08 -16.01
C ARG B 76 -11.77 13.55 -15.91
N THR B 77 -11.20 12.92 -16.91
CA THR B 77 -11.17 11.47 -16.96
C THR B 77 -10.23 10.96 -15.86
N SER B 78 -9.32 11.80 -15.40
CA SER B 78 -8.52 11.40 -14.25
C SER B 78 -9.42 11.24 -13.06
N LEU B 79 -10.22 12.26 -12.76
CA LEU B 79 -11.21 12.10 -11.69
C LEU B 79 -12.00 10.81 -11.87
N ASN B 80 -12.55 10.64 -13.07
CA ASN B 80 -13.41 9.50 -13.37
C ASN B 80 -12.72 8.19 -12.95
N GLU B 81 -11.45 8.13 -13.28
CA GLU B 81 -10.68 6.95 -13.11
C GLU B 81 -10.48 6.71 -11.63
N VAL B 82 -10.21 7.79 -10.92
CA VAL B 82 -9.96 7.56 -9.50
C VAL B 82 -11.27 7.03 -9.00
N ARG B 83 -12.33 7.72 -9.42
CA ARG B 83 -13.63 7.34 -8.98
C ARG B 83 -13.86 5.87 -9.33
N LYS B 84 -13.30 5.43 -10.43
CA LYS B 84 -13.62 4.08 -10.86
C LYS B 84 -12.87 3.05 -10.03
N ILE B 85 -11.61 3.35 -9.74
CA ILE B 85 -10.78 2.47 -8.94
C ILE B 85 -11.43 2.24 -7.59
N VAL B 86 -12.20 3.21 -7.12
CA VAL B 86 -12.78 3.18 -5.78
C VAL B 86 -14.31 2.97 -5.89
N SER B 87 -14.76 2.61 -7.10
CA SER B 87 -16.16 2.37 -7.37
C SER B 87 -16.61 1.15 -6.66
N SER B 88 -17.79 1.24 -6.06
CA SER B 88 -18.36 0.08 -5.39
C SER B 88 -19.30 -0.72 -6.32
N MET B 89 -19.46 -0.23 -7.56
CA MET B 89 -20.47 -0.76 -8.48
C MET B 89 -19.90 -1.89 -9.34
PB ADP C . 1.79 -13.44 25.07
O1B ADP C . 0.71 -12.41 25.35
O2B ADP C . 2.05 -14.46 26.17
O3B ADP C . 3.04 -12.79 24.42
PA ADP C . 1.92 -15.09 22.74
O1A ADP C . 2.79 -14.16 21.99
O2A ADP C . 1.01 -15.91 21.87
O3A ADP C . 1.08 -14.34 23.91
O5' ADP C . 2.95 -16.02 23.57
C5' ADP C . 2.45 -17.21 24.17
C4' ADP C . 3.51 -17.71 25.10
O4' ADP C . 4.59 -18.35 24.41
C3' ADP C . 4.14 -16.51 25.76
O3' ADP C . 3.45 -16.22 26.97
C2' ADP C . 5.57 -16.92 26.02
O2' ADP C . 5.82 -17.28 27.39
C1' ADP C . 5.82 -18.08 25.10
N9 ADP C . 6.90 -17.58 24.21
C8 ADP C . 6.72 -17.08 22.99
N7 ADP C . 7.90 -16.69 22.47
C5 ADP C . 8.88 -16.94 23.38
C6 ADP C . 10.36 -16.75 23.49
N6 ADP C . 11.10 -16.21 22.48
N1 ADP C . 10.97 -17.16 24.66
C2 ADP C . 10.27 -17.69 25.68
N3 ADP C . 8.93 -17.87 25.62
C4 ADP C . 8.19 -17.52 24.53
CA CA D . 2.96 -11.92 22.27
#